data_5D7Z
#
_entry.id   5D7Z
#
_cell.length_a   90.690
_cell.length_b   90.690
_cell.length_c   74.713
_cell.angle_alpha   90.00
_cell.angle_beta   90.00
_cell.angle_gamma   120.00
#
_symmetry.space_group_name_H-M   'P 63'
#
loop_
_entity.id
_entity.type
_entity.pdbx_description
1 polymer 'Lactoylglutathione lyase'
2 non-polymer 'NICKEL (II) ION'
3 non-polymer 'FORMIC ACID'
4 non-polymer 'SODIUM ION'
5 non-polymer 'NONAETHYLENE GLYCOL'
6 water water
#
_entity_poly.entity_id   1
_entity_poly.type   'polypeptide(L)'
_entity_poly.pdbx_seq_one_letter_code
;MATGSEASKAAEAVVDWHKHDSKRMLHAVYRVGDLDRTIKYYTECFGMKLLRKRDVPDEKYTNAFLGFGPENTNFAVELT
YNYGVDKYDIGTGFGHFAIANDDVYKLAENIKSKGGKITREPGPVKGGSTVIAFAQDPDGYMFELIQRADTPEPLCQVML
RVGDLERSIKFYEKALGMKLLRKKDVPDYKYTIAMLGYADEDKTTVLELTYNYGVTEYSKGNAYAQVAIGTNDVYKSAEA
VDLATKELGGKILRQPGPLPGINTKIASFVDPDGWKVVLVDNTDFLKELHLEHHHHHH
;
_entity_poly.pdbx_strand_id   A
#
loop_
_chem_comp.id
_chem_comp.type
_chem_comp.name
_chem_comp.formula
2PE non-polymer 'NONAETHYLENE GLYCOL' 'C18 H38 O10'
FMT non-polymer 'FORMIC ACID' 'C H2 O2'
NA non-polymer 'SODIUM ION' 'Na 1'
NI non-polymer 'NICKEL (II) ION' 'Ni 2'
#
# COMPACT_ATOMS: atom_id res chain seq x y z
N VAL A 15 -3.88 -11.28 20.59
CA VAL A 15 -4.19 -10.65 21.91
C VAL A 15 -3.04 -9.75 22.33
N ASP A 16 -2.25 -10.19 23.30
CA ASP A 16 -1.26 -9.33 23.92
C ASP A 16 0.03 -9.23 23.07
N TRP A 17 0.21 -10.16 22.13
CA TRP A 17 1.39 -10.18 21.21
C TRP A 17 1.55 -8.87 20.41
N HIS A 18 0.44 -8.28 19.99
CA HIS A 18 0.52 -7.01 19.22
C HIS A 18 1.21 -5.91 19.98
N LYS A 19 0.95 -5.83 21.30
CA LYS A 19 1.67 -4.92 22.18
C LYS A 19 3.19 -5.21 22.23
N HIS A 20 3.60 -6.47 22.12
CA HIS A 20 5.00 -6.81 22.24
C HIS A 20 5.71 -6.70 20.88
N ASP A 21 4.93 -6.77 19.80
CA ASP A 21 5.54 -6.76 18.46
C ASP A 21 5.93 -5.34 18.05
N SER A 22 6.75 -5.22 17.01
CA SER A 22 7.02 -3.92 16.40
C SER A 22 6.71 -4.04 14.86
N LYS A 23 5.48 -3.78 14.52
CA LYS A 23 5.03 -3.92 13.12
C LYS A 23 5.27 -2.62 12.31
N ARG A 24 5.43 -2.75 11.00
CA ARG A 24 5.59 -1.59 10.16
C ARG A 24 5.04 -1.94 8.79
N MET A 25 4.33 -1.00 8.17
CA MET A 25 3.95 -1.11 6.74
C MET A 25 5.21 -1.01 5.91
N LEU A 26 5.48 -2.00 5.09
CA LEU A 26 6.73 -2.04 4.28
C LEU A 26 6.50 -1.48 2.90
N HIS A 27 5.61 -2.08 2.12
CA HIS A 27 5.41 -1.66 0.73
C HIS A 27 4.08 -2.20 0.21
N ALA A 28 3.56 -1.58 -0.83
CA ALA A 28 2.42 -2.11 -1.62
C ALA A 28 3.04 -2.73 -2.87
N VAL A 29 2.53 -3.86 -3.25
CA VAL A 29 3.09 -4.61 -4.40
C VAL A 29 1.97 -4.58 -5.47
N TYR A 30 2.34 -4.26 -6.69
CA TYR A 30 1.35 -4.25 -7.76
C TYR A 30 2.04 -4.40 -9.11
N ARG A 31 1.28 -4.75 -10.12
CA ARG A 31 1.87 -5.09 -11.40
C ARG A 31 1.77 -3.96 -12.43
N VAL A 32 2.79 -3.91 -13.26
CA VAL A 32 2.92 -2.88 -14.28
C VAL A 32 3.29 -3.48 -15.63
N GLY A 33 2.78 -2.83 -16.68
CA GLY A 33 2.97 -3.34 -18.08
C GLY A 33 4.34 -3.01 -18.62
N ASP A 34 4.96 -1.97 -18.13
CA ASP A 34 6.23 -1.50 -18.63
C ASP A 34 7.06 -0.85 -17.54
N LEU A 35 8.05 -1.58 -17.08
CA LEU A 35 8.76 -1.18 -15.91
C LEU A 35 9.53 0.12 -16.09
N ASP A 36 10.24 0.28 -17.22
CA ASP A 36 10.98 1.53 -17.40
C ASP A 36 10.08 2.77 -17.46
N ARG A 37 8.96 2.64 -18.12
CA ARG A 37 8.02 3.73 -18.26
C ARG A 37 7.50 4.21 -16.90
N THR A 38 7.05 3.24 -16.12
CA THR A 38 6.65 3.57 -14.69
C THR A 38 7.77 4.17 -13.86
N ILE A 39 8.98 3.60 -13.93
CA ILE A 39 10.07 4.16 -13.20
C ILE A 39 10.26 5.65 -13.61
N LYS A 40 10.21 5.91 -14.91
CA LYS A 40 10.41 7.29 -15.41
C LYS A 40 9.30 8.20 -14.89
N TYR A 41 8.07 7.73 -14.99
CA TYR A 41 6.91 8.52 -14.49
C TYR A 41 7.06 8.82 -13.00
N TYR A 42 7.45 7.82 -12.21
CA TYR A 42 7.55 8.05 -10.74
C TYR A 42 8.67 8.91 -10.32
N THR A 43 9.80 8.79 -11.03
CA THR A 43 10.92 9.62 -10.72
C THR A 43 10.74 11.07 -11.22
N GLU A 44 10.37 11.22 -12.45
CA GLU A 44 10.20 12.55 -13.03
C GLU A 44 8.93 13.27 -12.59
N CYS A 45 7.78 12.61 -12.62
CA CYS A 45 6.52 13.27 -12.21
C CYS A 45 6.36 13.36 -10.73
N PHE A 46 6.60 12.27 -9.97
CA PHE A 46 6.31 12.24 -8.54
C PHE A 46 7.49 12.53 -7.60
N GLY A 47 8.72 12.61 -8.12
CA GLY A 47 9.87 12.83 -7.31
C GLY A 47 10.32 11.66 -6.45
N MET A 48 9.90 10.43 -6.77
CA MET A 48 10.43 9.22 -6.14
C MET A 48 11.84 8.93 -6.58
N LYS A 49 12.52 8.15 -5.76
CA LYS A 49 13.83 7.58 -6.08
C LYS A 49 13.64 6.12 -6.41
N LEU A 50 14.36 5.65 -7.42
CA LEU A 50 14.50 4.22 -7.64
C LEU A 50 15.41 3.65 -6.55
N LEU A 51 14.86 2.81 -5.69
CA LEU A 51 15.61 2.31 -4.53
C LEU A 51 16.40 1.02 -4.78
N ARG A 52 15.83 0.13 -5.51
CA ARG A 52 16.35 -1.23 -5.67
C ARG A 52 15.66 -1.77 -6.92
N LYS A 53 16.34 -2.66 -7.64
CA LYS A 53 15.71 -3.34 -8.70
C LYS A 53 16.25 -4.73 -8.67
N ARG A 54 15.37 -5.72 -8.81
CA ARG A 54 15.76 -7.13 -8.77
C ARG A 54 15.16 -7.86 -10.01
N ASP A 55 16.00 -8.29 -10.95
CA ASP A 55 15.52 -9.19 -12.04
C ASP A 55 15.60 -10.71 -11.63
N VAL A 56 14.56 -11.48 -11.95
CA VAL A 56 14.38 -12.88 -11.57
C VAL A 56 13.98 -13.63 -12.83
N PRO A 57 14.89 -13.63 -13.82
CA PRO A 57 14.67 -14.22 -15.12
C PRO A 57 14.25 -15.69 -15.05
N ASP A 58 14.75 -16.49 -14.08
CA ASP A 58 14.17 -17.87 -13.90
C ASP A 58 12.64 -17.90 -13.67
N GLU A 59 12.05 -16.84 -13.13
CA GLU A 59 10.64 -16.79 -12.99
C GLU A 59 9.95 -15.71 -13.87
N LYS A 60 10.69 -15.14 -14.79
CA LYS A 60 10.20 -14.23 -15.78
C LYS A 60 9.54 -13.00 -15.18
N TYR A 61 10.18 -12.45 -14.16
CA TYR A 61 9.70 -11.18 -13.61
C TYR A 61 10.85 -10.31 -13.16
N THR A 62 10.53 -9.02 -13.01
CA THR A 62 11.45 -8.05 -12.45
C THR A 62 10.68 -7.18 -11.46
N ASN A 63 11.29 -6.97 -10.28
CA ASN A 63 10.81 -6.00 -9.31
C ASN A 63 11.57 -4.69 -9.29
N ALA A 64 10.88 -3.60 -8.99
CA ALA A 64 11.56 -2.35 -8.74
C ALA A 64 10.86 -1.76 -7.54
N PHE A 65 11.65 -1.22 -6.59
CA PHE A 65 11.16 -0.61 -5.41
C PHE A 65 11.46 0.88 -5.48
N LEU A 66 10.45 1.76 -5.26
CA LEU A 66 10.59 3.18 -5.30
C LEU A 66 9.92 3.82 -4.13
N GLY A 67 10.37 4.99 -3.76
CA GLY A 67 9.79 5.73 -2.67
C GLY A 67 10.61 6.96 -2.40
N PHE A 68 10.45 7.46 -1.21
CA PHE A 68 11.05 8.76 -0.86
C PHE A 68 12.14 8.65 0.19
N GLY A 69 12.50 7.46 0.61
CA GLY A 69 13.52 7.28 1.63
C GLY A 69 13.90 5.85 1.62
N PRO A 70 14.97 5.51 2.31
CA PRO A 70 15.42 4.12 2.28
C PRO A 70 14.37 3.14 2.86
N GLU A 71 14.33 1.96 2.28
CA GLU A 71 13.28 0.97 2.66
C GLU A 71 13.33 0.53 4.09
N ASN A 72 14.50 0.68 4.74
CA ASN A 72 14.54 0.32 6.16
C ASN A 72 13.80 1.25 7.14
N THR A 73 13.45 2.46 6.71
CA THR A 73 12.79 3.44 7.49
C THR A 73 11.55 4.00 6.82
N ASN A 74 11.30 3.71 5.55
CA ASN A 74 10.23 4.33 4.74
CA ASN A 74 10.18 4.25 4.84
C ASN A 74 9.39 3.20 4.07
N PHE A 75 8.18 3.57 3.70
CA PHE A 75 7.34 2.75 2.89
C PHE A 75 7.76 2.90 1.46
N ALA A 76 7.57 1.84 0.68
CA ALA A 76 7.88 1.89 -0.75
C ALA A 76 6.74 1.31 -1.57
N VAL A 77 6.76 1.59 -2.86
CA VAL A 77 6.04 0.79 -3.83
C VAL A 77 6.88 -0.27 -4.44
N GLU A 78 6.35 -1.48 -4.56
CA GLU A 78 7.06 -2.55 -5.21
C GLU A 78 6.38 -2.90 -6.52
N LEU A 79 7.02 -2.56 -7.62
CA LEU A 79 6.46 -2.84 -8.95
C LEU A 79 6.86 -4.21 -9.42
N THR A 80 5.91 -4.95 -9.97
CA THR A 80 6.23 -6.26 -10.58
C THR A 80 5.94 -6.24 -12.06
N TYR A 81 6.94 -6.58 -12.89
CA TYR A 81 6.87 -6.60 -14.36
C TYR A 81 7.01 -8.08 -14.70
N ASN A 82 5.96 -8.66 -15.30
CA ASN A 82 5.97 -10.05 -15.77
C ASN A 82 6.34 -10.02 -17.23
N TYR A 83 7.38 -10.79 -17.59
CA TYR A 83 7.97 -10.64 -18.96
C TYR A 83 6.89 -10.87 -20.02
N GLY A 84 6.83 -9.92 -20.93
CA GLY A 84 5.88 -9.85 -21.99
C GLY A 84 4.45 -9.41 -21.72
N VAL A 85 4.12 -9.13 -20.44
CA VAL A 85 2.75 -8.91 -20.07
C VAL A 85 2.60 -7.38 -20.01
N ASP A 86 1.79 -6.81 -20.86
CA ASP A 86 1.85 -5.34 -20.95
CA ASP A 86 1.77 -5.37 -21.10
C ASP A 86 0.61 -4.68 -20.43
N LYS A 87 -0.36 -5.41 -19.92
CA LYS A 87 -1.58 -4.85 -19.42
C LYS A 87 -2.19 -5.69 -18.28
N TYR A 88 -2.84 -5.00 -17.33
CA TYR A 88 -3.59 -5.63 -16.25
C TYR A 88 -4.95 -4.97 -16.05
N ASP A 89 -5.77 -5.62 -15.27
CA ASP A 89 -7.13 -5.24 -14.95
C ASP A 89 -7.14 -4.69 -13.48
N ILE A 90 -7.33 -3.39 -13.32
CA ILE A 90 -7.25 -2.79 -11.89
C ILE A 90 -8.43 -3.24 -11.04
N GLY A 91 -9.59 -3.38 -11.64
CA GLY A 91 -10.77 -3.73 -10.90
C GLY A 91 -11.37 -2.54 -10.18
N THR A 92 -12.46 -2.82 -9.46
CA THR A 92 -13.23 -1.72 -8.86
C THR A 92 -12.92 -1.47 -7.40
N GLY A 93 -12.25 -2.39 -6.73
CA GLY A 93 -12.00 -2.25 -5.33
C GLY A 93 -10.80 -1.37 -4.98
N PHE A 94 -9.80 -1.43 -5.85
CA PHE A 94 -8.56 -0.66 -5.61
C PHE A 94 -8.81 0.86 -5.66
N GLY A 95 -8.51 1.55 -4.59
CA GLY A 95 -8.63 2.98 -4.56
C GLY A 95 -7.50 3.80 -5.12
N HIS A 96 -6.50 4.06 -4.30
CA HIS A 96 -5.41 4.90 -4.78
C HIS A 96 -4.25 4.78 -3.83
N PHE A 97 -3.09 5.26 -4.29
CA PHE A 97 -1.95 5.56 -3.38
C PHE A 97 -1.96 7.09 -3.18
N ALA A 98 -1.52 7.60 -2.06
CA ALA A 98 -1.47 9.01 -1.85
C ALA A 98 -0.04 9.45 -1.58
N ILE A 99 0.28 10.60 -2.15
CA ILE A 99 1.57 11.28 -1.91
C ILE A 99 1.26 12.60 -1.26
N ALA A 100 1.90 12.86 -0.15
CA ALA A 100 1.75 14.12 0.52
C ALA A 100 2.91 15.02 0.10
N ASN A 101 2.63 16.33 -0.10
CA ASN A 101 3.68 17.27 -0.66
C ASN A 101 3.31 18.64 -0.18
N ASP A 102 4.26 19.48 0.08
CA ASP A 102 3.89 20.79 0.61
C ASP A 102 3.43 21.81 -0.44
N ASP A 103 3.45 21.45 -1.71
CA ASP A 103 2.95 22.38 -2.74
C ASP A 103 2.37 21.62 -3.87
N VAL A 104 1.07 21.30 -3.74
CA VAL A 104 0.41 20.41 -4.67
C VAL A 104 0.15 21.10 -5.98
N TYR A 105 -0.03 22.41 -5.93
CA TYR A 105 -0.27 23.14 -7.24
C TYR A 105 0.99 22.99 -8.13
N LYS A 106 2.15 23.16 -7.52
CA LYS A 106 3.42 23.07 -8.20
C LYS A 106 3.64 21.64 -8.63
N LEU A 107 3.31 20.67 -7.76
CA LEU A 107 3.46 19.27 -8.12
C LEU A 107 2.60 18.88 -9.26
N ALA A 108 1.33 19.29 -9.29
CA ALA A 108 0.46 18.92 -10.38
C ALA A 108 0.98 19.57 -11.72
N GLU A 109 1.54 20.75 -11.61
CA GLU A 109 2.12 21.44 -12.80
C GLU A 109 3.38 20.70 -13.28
N ASN A 110 4.16 20.19 -12.33
CA ASN A 110 5.30 19.38 -12.69
C ASN A 110 4.90 18.12 -13.42
N ILE A 111 3.88 17.45 -12.91
CA ILE A 111 3.40 16.19 -13.51
C ILE A 111 2.93 16.44 -14.93
N LYS A 112 2.16 17.51 -15.14
CA LYS A 112 1.77 17.84 -16.51
C LYS A 112 2.96 18.12 -17.39
N SER A 113 3.89 18.94 -16.92
CA SER A 113 5.04 19.34 -17.77
C SER A 113 5.96 18.17 -18.11
N LYS A 114 6.00 17.11 -17.27
CA LYS A 114 6.73 15.88 -17.60
C LYS A 114 5.97 14.90 -18.45
N GLY A 115 4.79 15.23 -18.94
CA GLY A 115 4.04 14.34 -19.74
C GLY A 115 3.07 13.45 -18.97
N GLY A 116 2.85 13.74 -17.70
CA GLY A 116 1.95 12.91 -16.89
C GLY A 116 0.53 13.34 -17.02
N LYS A 117 -0.37 12.72 -16.29
CA LYS A 117 -1.79 13.02 -16.45
C LYS A 117 -2.44 13.43 -15.11
N ILE A 118 -3.10 14.60 -15.09
CA ILE A 118 -3.83 15.04 -13.90
C ILE A 118 -5.28 14.83 -14.22
N THR A 119 -5.99 14.11 -13.40
CA THR A 119 -7.38 13.81 -13.59
C THR A 119 -8.28 14.69 -12.74
N ARG A 120 -7.75 15.25 -11.67
CA ARG A 120 -8.50 16.14 -10.77
C ARG A 120 -7.58 17.28 -10.43
N GLU A 121 -7.89 18.48 -10.91
CA GLU A 121 -6.95 19.59 -10.79
C GLU A 121 -6.79 20.02 -9.27
N PRO A 122 -5.67 20.63 -8.93
CA PRO A 122 -5.39 21.00 -7.58
C PRO A 122 -6.38 22.00 -7.08
N GLY A 123 -6.84 21.76 -5.88
CA GLY A 123 -7.78 22.69 -5.26
C GLY A 123 -8.34 22.07 -4.01
N PRO A 124 -9.10 22.87 -3.22
CA PRO A 124 -9.62 22.31 -2.02
C PRO A 124 -10.68 21.27 -2.26
N VAL A 125 -10.76 20.37 -1.30
CA VAL A 125 -11.78 19.35 -1.31
C VAL A 125 -13.16 19.92 -0.86
N LYS A 126 -14.25 19.18 -1.09
CA LYS A 126 -15.52 19.19 -0.26
C LYS A 126 -15.57 20.11 0.98
N GLY A 127 -15.86 21.40 0.80
CA GLY A 127 -15.84 22.35 1.91
C GLY A 127 -15.32 23.78 1.66
N GLY A 128 -14.01 24.02 1.59
CA GLY A 128 -12.93 23.01 1.45
C GLY A 128 -12.50 22.14 2.63
N SER A 129 -11.26 22.29 3.17
CA SER A 129 -10.20 23.13 2.57
C SER A 129 -8.76 22.51 2.37
N THR A 130 -8.53 21.25 2.75
CA THR A 130 -7.25 20.57 2.30
C THR A 130 -7.17 20.61 0.77
N VAL A 131 -6.00 21.02 0.24
CA VAL A 131 -5.74 21.03 -1.16
C VAL A 131 -5.36 19.59 -1.56
N ILE A 132 -6.02 19.12 -2.58
CA ILE A 132 -5.71 17.79 -3.21
C ILE A 132 -5.71 17.91 -4.71
N ALA A 133 -5.14 16.88 -5.36
CA ALA A 133 -5.23 16.69 -6.77
C ALA A 133 -5.18 15.17 -6.98
N PHE A 134 -5.55 14.70 -8.17
CA PHE A 134 -5.33 13.30 -8.55
C PHE A 134 -4.55 13.21 -9.85
N ALA A 135 -3.58 12.31 -9.87
CA ALA A 135 -2.83 11.95 -11.05
C ALA A 135 -3.09 10.52 -11.37
N GLN A 136 -2.88 10.14 -12.63
CA GLN A 136 -3.17 8.74 -13.04
C GLN A 136 -1.85 8.24 -13.70
N ASP A 137 -1.40 7.05 -13.28
CA ASP A 137 -0.09 6.56 -13.79
C ASP A 137 -0.34 5.78 -15.13
N PRO A 138 0.72 5.31 -15.76
CA PRO A 138 0.61 4.63 -17.09
C PRO A 138 -0.29 3.42 -17.11
N ASP A 139 -0.35 2.66 -16.03
CA ASP A 139 -1.23 1.51 -15.99
C ASP A 139 -2.62 1.84 -15.54
N GLY A 140 -2.86 3.05 -15.04
CA GLY A 140 -4.16 3.42 -14.63
C GLY A 140 -4.33 3.59 -13.17
N TYR A 141 -3.28 3.36 -12.40
CA TYR A 141 -3.40 3.48 -10.92
C TYR A 141 -3.53 4.99 -10.59
N MET A 142 -4.43 5.27 -9.66
CA MET A 142 -4.66 6.66 -9.22
C MET A 142 -3.78 7.00 -8.03
N PHE A 143 -3.25 8.23 -8.06
CA PHE A 143 -2.42 8.77 -7.00
C PHE A 143 -3.14 10.03 -6.57
N GLU A 144 -3.54 10.06 -5.31
CA GLU A 144 -4.04 11.29 -4.73
C GLU A 144 -2.83 12.12 -4.26
N LEU A 145 -2.79 13.41 -4.60
CA LEU A 145 -1.79 14.31 -4.10
C LEU A 145 -2.41 15.13 -2.97
N ILE A 146 -1.80 15.17 -1.79
CA ILE A 146 -2.42 15.81 -0.61
C ILE A 146 -1.48 16.83 -0.06
N GLN A 147 -1.93 18.09 0.06
CA GLN A 147 -0.99 19.12 0.49
C GLN A 147 -0.83 19.14 2.01
N ARG A 148 0.38 18.88 2.46
CA ARG A 148 0.74 18.76 3.88
C ARG A 148 2.03 19.43 4.08
N ALA A 149 2.16 20.21 5.18
CA ALA A 149 3.33 21.14 5.26
C ALA A 149 4.61 20.45 5.58
N ASP A 150 4.62 19.41 6.37
CA ASP A 150 5.97 18.92 6.64
C ASP A 150 6.11 17.44 6.79
N THR A 151 5.80 16.72 5.76
CA THR A 151 5.61 15.26 5.92
C THR A 151 6.88 14.49 6.12
N PRO A 152 6.89 13.56 7.06
CA PRO A 152 7.98 12.65 7.27
C PRO A 152 7.91 11.40 6.38
N GLU A 153 6.75 11.16 5.76
CA GLU A 153 6.58 9.97 4.92
C GLU A 153 5.60 10.35 3.82
N PRO A 154 6.15 10.75 2.67
CA PRO A 154 5.28 11.22 1.60
C PRO A 154 4.32 10.16 1.06
N LEU A 155 4.72 8.89 1.03
CA LEU A 155 3.81 7.84 0.54
C LEU A 155 2.92 7.51 1.70
N CYS A 156 1.80 8.23 1.82
CA CYS A 156 1.10 8.35 3.09
C CYS A 156 -0.21 7.53 3.21
N GLN A 157 -0.78 7.05 2.09
CA GLN A 157 -1.99 6.19 2.13
C GLN A 157 -1.95 5.12 1.08
N VAL A 158 -2.52 3.95 1.39
CA VAL A 158 -3.01 3.01 0.42
C VAL A 158 -4.50 2.93 0.71
N MET A 159 -5.35 3.22 -0.29
CA MET A 159 -6.80 3.24 -0.06
C MET A 159 -7.44 2.06 -0.83
N LEU A 160 -8.20 1.29 -0.06
CA LEU A 160 -8.96 0.13 -0.59
C LEU A 160 -10.44 0.25 -0.16
N ARG A 161 -11.28 -0.21 -1.06
CA ARG A 161 -12.70 -0.27 -0.74
C ARG A 161 -13.08 -1.57 -0.07
N VAL A 162 -14.07 -1.47 0.83
CA VAL A 162 -14.51 -2.61 1.63
C VAL A 162 -16.02 -2.63 1.71
N GLY A 163 -16.59 -3.82 1.95
CA GLY A 163 -18.05 -3.98 2.01
C GLY A 163 -18.67 -3.77 3.36
N ASP A 164 -17.93 -3.85 4.46
CA ASP A 164 -18.41 -3.62 5.84
C ASP A 164 -17.29 -3.03 6.69
N LEU A 165 -17.39 -1.73 6.94
CA LEU A 165 -16.26 -1.04 7.57
C LEU A 165 -16.04 -1.45 8.95
N GLU A 166 -17.10 -1.67 9.76
CA GLU A 166 -16.87 -2.10 11.11
C GLU A 166 -16.13 -3.45 11.18
N ARG A 167 -16.54 -4.38 10.34
CA ARG A 167 -15.95 -5.70 10.27
C ARG A 167 -14.41 -5.55 9.94
N SER A 168 -14.18 -4.71 8.98
CA SER A 168 -12.75 -4.45 8.55
C SER A 168 -11.91 -3.81 9.57
N ILE A 169 -12.44 -2.77 10.25
CA ILE A 169 -11.73 -2.13 11.35
C ILE A 169 -11.37 -3.14 12.43
N LYS A 170 -12.34 -3.98 12.82
CA LYS A 170 -12.07 -4.98 13.86
C LYS A 170 -10.99 -5.99 13.40
N PHE A 171 -11.12 -6.37 12.14
CA PHE A 171 -10.14 -7.28 11.54
C PHE A 171 -8.71 -6.73 11.58
N TYR A 172 -8.52 -5.49 11.10
CA TYR A 172 -7.16 -4.91 11.13
C TYR A 172 -6.63 -4.68 12.54
N GLU A 173 -7.52 -4.40 13.49
CA GLU A 173 -7.11 -4.31 14.85
C GLU A 173 -6.70 -5.67 15.41
N LYS A 174 -7.58 -6.65 15.28
CA LYS A 174 -7.34 -7.95 15.90
C LYS A 174 -6.34 -8.87 15.17
N ALA A 175 -6.43 -8.88 13.87
CA ALA A 175 -5.50 -9.66 13.01
C ALA A 175 -4.11 -9.06 12.97
N LEU A 176 -4.06 -7.75 12.86
CA LEU A 176 -2.78 -7.05 12.56
C LEU A 176 -2.28 -6.03 13.60
N GLY A 177 -3.02 -5.83 14.70
CA GLY A 177 -2.61 -4.84 15.68
C GLY A 177 -2.57 -3.39 15.24
N MET A 178 -3.27 -3.06 14.15
CA MET A 178 -3.45 -1.69 13.71
C MET A 178 -4.32 -0.92 14.71
N LYS A 179 -4.10 0.38 14.78
CA LYS A 179 -4.98 1.31 15.47
C LYS A 179 -5.93 2.00 14.53
N LEU A 180 -7.19 2.13 14.95
CA LEU A 180 -8.11 3.01 14.28
C LEU A 180 -7.70 4.46 14.60
N LEU A 181 -7.19 5.15 13.59
CA LEU A 181 -6.60 6.45 13.76
C LEU A 181 -7.65 7.50 13.59
N ARG A 182 -8.55 7.31 12.65
CA ARG A 182 -9.51 8.31 12.33
C ARG A 182 -10.63 7.65 11.60
N LYS A 183 -11.85 8.09 11.86
CA LYS A 183 -13.03 7.59 11.22
C LYS A 183 -13.92 8.73 10.87
N LYS A 184 -14.42 8.76 9.66
CA LYS A 184 -15.17 9.90 9.17
C LYS A 184 -16.32 9.46 8.29
N ASP A 185 -17.55 9.77 8.73
CA ASP A 185 -18.76 9.36 8.05
C ASP A 185 -19.31 10.60 7.39
N VAL A 186 -19.72 10.49 6.14
CA VAL A 186 -20.16 11.58 5.30
C VAL A 186 -21.47 11.22 4.64
N PRO A 187 -22.55 11.21 5.44
CA PRO A 187 -23.79 10.68 4.90
C PRO A 187 -24.26 11.46 3.70
N ASP A 188 -23.89 12.75 3.64
CA ASP A 188 -24.27 13.62 2.52
C ASP A 188 -23.82 13.04 1.18
N TYR A 189 -22.67 12.37 1.17
CA TYR A 189 -22.14 11.75 -0.04
C TYR A 189 -22.10 10.23 0.06
N LYS A 190 -22.79 9.64 1.03
CA LYS A 190 -22.95 8.23 1.15
C LYS A 190 -21.64 7.43 1.25
N TYR A 191 -20.76 7.84 2.13
CA TYR A 191 -19.52 7.07 2.36
C TYR A 191 -19.00 7.30 3.75
N THR A 192 -18.16 6.37 4.19
CA THR A 192 -17.48 6.50 5.40
C THR A 192 -16.08 5.99 5.09
N ILE A 193 -15.13 6.62 5.76
CA ILE A 193 -13.76 6.19 5.73
C ILE A 193 -13.15 5.94 7.10
N ALA A 194 -12.17 5.03 7.14
CA ALA A 194 -11.34 4.82 8.30
C ALA A 194 -9.89 4.78 7.92
N MET A 195 -9.08 5.34 8.80
CA MET A 195 -7.60 5.35 8.66
C MET A 195 -7.08 4.45 9.74
N LEU A 196 -6.34 3.43 9.30
CA LEU A 196 -5.74 2.43 10.14
C LEU A 196 -4.23 2.44 10.03
N GLY A 197 -3.51 2.25 11.13
CA GLY A 197 -2.05 2.17 11.11
C GLY A 197 -1.31 1.96 12.42
N TYR A 198 0.00 2.12 12.34
CA TYR A 198 0.91 1.78 13.44
C TYR A 198 1.49 3.02 14.14
N ALA A 199 1.09 4.18 13.68
CA ALA A 199 1.58 5.43 14.16
C ALA A 199 0.58 6.51 13.83
N ASP A 200 0.78 7.74 14.36
CA ASP A 200 -0.11 8.84 14.06
C ASP A 200 -0.20 9.01 12.57
N GLU A 201 -1.40 9.34 12.16
CA GLU A 201 -1.73 9.47 10.74
C GLU A 201 -0.81 10.41 9.96
N ASP A 202 -0.53 11.56 10.55
CA ASP A 202 0.38 12.51 9.88
C ASP A 202 1.84 12.13 9.90
N LYS A 203 2.21 10.99 10.48
CA LYS A 203 3.58 10.57 10.46
C LYS A 203 3.83 9.23 9.77
N THR A 204 2.81 8.65 9.14
CA THR A 204 2.97 7.24 8.76
C THR A 204 2.25 7.01 7.43
N THR A 205 2.38 5.78 6.92
CA THR A 205 1.54 5.31 5.83
C THR A 205 0.32 4.59 6.47
N VAL A 206 -0.84 5.10 6.16
CA VAL A 206 -2.07 4.48 6.66
C VAL A 206 -2.70 3.62 5.59
N LEU A 207 -3.48 2.65 6.08
CA LEU A 207 -4.46 1.98 5.26
C LEU A 207 -5.79 2.74 5.38
N GLU A 208 -6.30 3.32 4.30
CA GLU A 208 -7.55 4.00 4.29
C GLU A 208 -8.55 3.01 3.69
N LEU A 209 -9.61 2.71 4.44
CA LEU A 209 -10.64 1.80 3.98
C LEU A 209 -11.89 2.63 3.72
N THR A 210 -12.51 2.45 2.58
CA THR A 210 -13.62 3.28 2.14
C THR A 210 -14.83 2.33 2.01
N TYR A 211 -15.89 2.70 2.71
CA TYR A 211 -17.22 2.11 2.55
C TYR A 211 -18.17 3.05 1.81
N ASN A 212 -18.76 2.53 0.75
CA ASN A 212 -19.81 3.23 0.02
C ASN A 212 -21.16 2.59 0.46
N TYR A 213 -22.09 3.45 0.79
CA TYR A 213 -23.37 3.04 1.43
C TYR A 213 -24.02 2.02 0.51
N GLY A 214 -24.35 0.87 1.07
CA GLY A 214 -25.11 -0.12 0.32
C GLY A 214 -24.31 -0.84 -0.76
N VAL A 215 -22.97 -0.71 -0.73
CA VAL A 215 -22.08 -1.45 -1.66
C VAL A 215 -21.25 -2.42 -0.87
N THR A 216 -21.40 -3.71 -1.17
CA THR A 216 -20.80 -4.70 -0.30
C THR A 216 -19.74 -5.53 -0.97
N GLU A 217 -19.58 -5.38 -2.28
CA GLU A 217 -18.59 -6.14 -3.06
C GLU A 217 -17.97 -5.31 -4.14
N TYR A 218 -16.69 -5.59 -4.39
CA TYR A 218 -15.96 -5.04 -5.47
C TYR A 218 -15.05 -6.13 -6.08
N SER A 219 -14.60 -5.92 -7.30
CA SER A 219 -13.61 -6.82 -7.87
C SER A 219 -12.17 -6.47 -7.38
N LYS A 220 -11.37 -7.52 -7.25
CA LYS A 220 -9.99 -7.40 -6.78
C LYS A 220 -9.06 -7.15 -7.95
N GLY A 221 -9.51 -7.50 -9.18
CA GLY A 221 -8.77 -7.32 -10.41
C GLY A 221 -7.54 -8.23 -10.42
N ASN A 222 -6.55 -7.92 -11.24
CA ASN A 222 -5.28 -8.69 -11.19
C ASN A 222 -4.08 -7.82 -11.19
N ALA A 223 -4.28 -6.58 -10.77
CA ALA A 223 -3.25 -5.61 -10.90
C ALA A 223 -2.53 -5.39 -9.56
N TYR A 224 -3.29 -4.86 -8.61
CA TYR A 224 -2.81 -4.77 -7.21
C TYR A 224 -2.63 -6.16 -6.65
N ALA A 225 -1.45 -6.44 -6.03
CA ALA A 225 -1.18 -7.68 -5.41
C ALA A 225 -1.44 -7.74 -3.93
N GLN A 226 -0.71 -6.96 -3.13
CA GLN A 226 -0.80 -7.11 -1.67
C GLN A 226 -0.08 -5.96 -1.03
N VAL A 227 -0.34 -5.79 0.26
CA VAL A 227 0.53 -4.96 1.11
C VAL A 227 1.35 -5.86 1.97
N ALA A 228 2.60 -5.50 2.19
CA ALA A 228 3.51 -6.23 3.08
C ALA A 228 3.72 -5.49 4.38
N ILE A 229 3.64 -6.22 5.51
CA ILE A 229 3.84 -5.65 6.86
C ILE A 229 4.89 -6.46 7.56
N GLY A 230 5.86 -5.75 8.13
CA GLY A 230 6.92 -6.35 8.85
C GLY A 230 6.48 -6.72 10.27
N THR A 231 6.98 -7.86 10.78
CA THR A 231 6.68 -8.29 12.13
C THR A 231 7.88 -8.96 12.70
N ASN A 232 8.00 -8.90 14.00
CA ASN A 232 9.13 -9.59 14.64
C ASN A 232 8.99 -11.10 14.76
N ASP A 233 7.80 -11.62 14.50
CA ASP A 233 7.54 -13.07 14.52
C ASP A 233 6.37 -13.44 13.62
N VAL A 234 6.68 -14.03 12.47
CA VAL A 234 5.56 -14.36 11.58
C VAL A 234 4.64 -15.45 12.12
N TYR A 235 5.20 -16.31 12.93
CA TYR A 235 4.38 -17.45 13.51
C TYR A 235 3.34 -16.89 14.49
N LYS A 236 3.80 -16.04 15.41
CA LYS A 236 2.94 -15.37 16.38
C LYS A 236 1.93 -14.47 15.68
N SER A 237 2.37 -13.70 14.67
CA SER A 237 1.42 -12.87 13.93
C SER A 237 0.46 -13.66 13.11
N ALA A 238 0.90 -14.77 12.53
CA ALA A 238 -0.05 -15.56 11.79
C ALA A 238 -1.11 -16.22 12.71
N GLU A 239 -0.70 -16.59 13.91
CA GLU A 239 -1.68 -17.12 14.94
C GLU A 239 -2.78 -16.11 15.21
N ALA A 240 -2.36 -14.86 15.44
CA ALA A 240 -3.26 -13.75 15.63
C ALA A 240 -4.24 -13.57 14.48
N VAL A 241 -3.72 -13.69 13.24
CA VAL A 241 -4.55 -13.57 12.04
C VAL A 241 -5.59 -14.74 12.00
N ASP A 242 -5.10 -15.92 12.30
CA ASP A 242 -6.00 -17.11 12.18
C ASP A 242 -7.19 -16.98 13.16
N LEU A 243 -6.88 -16.59 14.38
CA LEU A 243 -7.88 -16.28 15.42
C LEU A 243 -8.86 -15.23 14.95
N ALA A 244 -8.38 -14.15 14.31
CA ALA A 244 -9.30 -13.15 13.73
C ALA A 244 -10.21 -13.65 12.65
N THR A 245 -9.70 -14.50 11.78
CA THR A 245 -10.39 -14.87 10.61
C THR A 245 -11.55 -15.80 11.07
N LYS A 246 -11.38 -16.50 12.20
CA LYS A 246 -12.41 -17.41 12.73
C LYS A 246 -13.66 -16.63 13.13
N GLU A 247 -13.50 -15.49 13.80
CA GLU A 247 -14.62 -14.57 14.09
C GLU A 247 -15.09 -13.71 12.91
N LEU A 248 -14.17 -13.16 12.11
CA LEU A 248 -14.55 -12.10 11.17
C LEU A 248 -14.48 -12.40 9.72
N GLY A 249 -13.84 -13.49 9.33
CA GLY A 249 -13.71 -13.73 7.89
C GLY A 249 -12.26 -13.50 7.40
N GLY A 250 -11.99 -13.83 6.17
CA GLY A 250 -10.61 -13.91 5.63
C GLY A 250 -10.02 -15.30 5.89
N LYS A 251 -8.78 -15.51 5.48
CA LYS A 251 -8.21 -16.86 5.53
C LYS A 251 -6.71 -16.78 5.42
N ILE A 252 -5.98 -17.59 6.16
CA ILE A 252 -4.54 -17.74 5.87
C ILE A 252 -4.37 -18.46 4.52
N LEU A 253 -3.49 -17.97 3.67
CA LEU A 253 -3.11 -18.61 2.45
C LEU A 253 -1.74 -19.37 2.66
N ARG A 254 -0.61 -18.67 2.62
CA ARG A 254 0.63 -19.27 2.94
C ARG A 254 0.92 -19.25 4.38
N GLN A 255 1.09 -20.45 4.89
CA GLN A 255 1.38 -20.68 6.28
C GLN A 255 2.75 -20.10 6.62
N PRO A 256 2.94 -19.65 7.85
CA PRO A 256 4.25 -19.03 8.25
C PRO A 256 5.46 -19.95 8.13
N GLY A 257 6.55 -19.43 7.61
CA GLY A 257 7.79 -20.18 7.40
C GLY A 257 8.75 -19.55 6.41
N PRO A 258 9.95 -20.14 6.29
CA PRO A 258 10.92 -19.62 5.42
C PRO A 258 10.67 -19.96 4.00
N LEU A 259 10.96 -19.01 3.15
CA LEU A 259 10.95 -19.22 1.70
C LEU A 259 12.22 -20.02 1.28
N PRO A 260 12.07 -20.87 0.28
CA PRO A 260 13.24 -21.66 -0.14
C PRO A 260 14.35 -20.77 -0.77
N GLY A 261 15.59 -21.17 -0.56
CA GLY A 261 16.73 -20.38 -1.01
C GLY A 261 17.05 -19.23 -0.07
N ILE A 262 16.42 -18.10 -0.33
CA ILE A 262 16.64 -16.89 0.47
C ILE A 262 16.34 -17.05 1.97
N ASN A 263 15.33 -17.83 2.29
CA ASN A 263 14.98 -18.17 3.67
C ASN A 263 14.23 -17.08 4.41
N THR A 264 13.82 -16.01 3.72
CA THR A 264 12.96 -15.00 4.36
C THR A 264 11.71 -15.69 4.89
N LYS A 265 11.43 -15.45 6.15
CA LYS A 265 10.19 -15.92 6.72
C LYS A 265 9.06 -14.97 6.38
N ILE A 266 8.00 -15.58 5.88
CA ILE A 266 6.73 -14.92 5.54
C ILE A 266 5.49 -15.78 5.89
N ALA A 267 4.33 -15.10 5.84
CA ALA A 267 2.99 -15.73 5.82
C ALA A 267 2.12 -14.84 5.01
N SER A 268 1.07 -15.39 4.43
CA SER A 268 0.18 -14.55 3.71
C SER A 268 -1.27 -14.91 4.03
N PHE A 269 -2.15 -13.96 3.82
CA PHE A 269 -3.59 -14.17 4.06
C PHE A 269 -4.41 -13.20 3.30
N VAL A 270 -5.73 -13.42 3.26
CA VAL A 270 -6.68 -12.49 2.71
C VAL A 270 -7.62 -12.03 3.84
N ASP A 271 -8.01 -10.75 3.73
CA ASP A 271 -8.89 -10.16 4.72
C ASP A 271 -10.32 -10.52 4.32
N PRO A 272 -11.30 -10.03 5.10
CA PRO A 272 -12.69 -10.47 4.88
C PRO A 272 -13.20 -10.06 3.54
N ASP A 273 -12.54 -9.08 2.89
CA ASP A 273 -12.94 -8.66 1.58
C ASP A 273 -12.17 -9.28 0.42
N GLY A 274 -11.12 -9.98 0.76
CA GLY A 274 -10.30 -10.60 -0.23
C GLY A 274 -8.97 -9.89 -0.49
N TRP A 275 -8.68 -8.81 0.22
CA TRP A 275 -7.43 -8.11 0.00
C TRP A 275 -6.34 -8.93 0.65
N LYS A 276 -5.22 -9.02 -0.05
CA LYS A 276 -4.09 -9.81 0.34
C LYS A 276 -3.05 -9.06 1.16
N VAL A 277 -2.63 -9.71 2.24
CA VAL A 277 -1.56 -9.19 3.08
C VAL A 277 -0.46 -10.23 3.16
N VAL A 278 0.80 -9.77 3.16
CA VAL A 278 1.97 -10.61 3.45
C VAL A 278 2.66 -10.07 4.69
N LEU A 279 2.84 -10.90 5.67
CA LEU A 279 3.69 -10.68 6.81
C LEU A 279 5.10 -11.12 6.52
N VAL A 280 6.06 -10.26 6.84
CA VAL A 280 7.49 -10.49 6.60
C VAL A 280 8.27 -10.30 7.91
N ASP A 281 9.13 -11.25 8.25
CA ASP A 281 10.01 -11.13 9.41
C ASP A 281 10.88 -9.92 9.22
N ASN A 282 10.79 -9.00 10.19
CA ASN A 282 11.57 -7.77 10.14
C ASN A 282 13.06 -7.95 9.94
N THR A 283 13.70 -8.80 10.74
CA THR A 283 15.14 -9.11 10.52
C THR A 283 15.44 -9.66 9.17
N ASP A 284 14.61 -10.58 8.67
CA ASP A 284 14.85 -11.17 7.35
C ASP A 284 14.69 -10.12 6.29
N PHE A 285 13.78 -9.15 6.47
CA PHE A 285 13.59 -8.10 5.47
C PHE A 285 14.87 -7.23 5.39
N LEU A 286 15.38 -6.87 6.58
CA LEU A 286 16.64 -6.13 6.62
C LEU A 286 17.78 -6.93 5.96
N LYS A 287 17.84 -8.24 6.14
CA LYS A 287 18.82 -9.04 5.48
C LYS A 287 18.71 -8.99 3.95
N GLU A 288 17.49 -9.03 3.48
CA GLU A 288 17.28 -8.84 2.07
C GLU A 288 17.79 -7.53 1.53
N LEU A 289 17.50 -6.41 2.25
CA LEU A 289 17.95 -5.10 1.87
C LEU A 289 19.47 -5.01 1.88
N HIS A 290 20.06 -5.61 2.91
CA HIS A 290 21.50 -5.62 3.02
C HIS A 290 22.19 -6.32 1.89
N LEU A 291 21.71 -7.45 1.51
CA LEU A 291 22.33 -8.19 0.45
C LEU A 291 22.27 -7.41 -0.89
N GLU A 292 21.18 -6.72 -1.11
CA GLU A 292 21.07 -5.92 -2.34
C GLU A 292 22.02 -4.73 -2.41
N HIS A 293 22.07 -3.97 -1.34
CA HIS A 293 22.74 -2.69 -1.28
C HIS A 293 24.20 -2.80 -0.95
N HIS A 294 24.58 -3.76 -0.11
CA HIS A 294 25.98 -3.75 0.34
C HIS A 294 26.78 -4.85 -0.20
N HIS A 295 26.16 -5.76 -0.99
CA HIS A 295 26.86 -6.90 -1.57
C HIS A 295 26.58 -6.96 -3.09
N HIS A 296 27.29 -7.84 -3.74
NI NI B . 27.42 -8.02 4.71
C FMT C . -13.18 15.95 -4.84
O1 FMT C . -12.79 16.78 -4.02
O2 FMT C . -12.80 16.00 -6.14
C FMT D . -14.95 5.75 -3.87
O1 FMT D . -15.06 4.80 -3.12
O2 FMT D . -13.76 6.34 -4.07
C FMT E . -10.22 12.75 4.59
O1 FMT E . -9.19 12.09 4.79
O2 FMT E . -10.78 13.44 5.58
C FMT F . -5.06 15.83 5.02
O1 FMT F . -3.89 16.24 5.26
O2 FMT F . -5.34 14.57 4.64
C FMT G . 2.21 -15.89 -0.67
O1 FMT G . 2.95 -16.30 -1.58
O2 FMT G . 0.86 -15.96 -0.74
NA NA H . -13.14 10.40 -2.96
O1 2PE I . -15.96 14.32 -2.24
C2 2PE I . -15.62 13.15 -1.55
C3 2PE I . -14.13 13.23 -1.22
O4 2PE I . -13.30 12.57 -2.20
C5 2PE I . -12.21 13.44 -2.57
C6 2PE I . -10.88 12.75 -2.48
O7 2PE I . -11.07 11.33 -2.61
C8 2PE I . -10.31 10.78 -1.54
C9 2PE I . -10.89 9.41 -1.28
O10 2PE I . -12.26 9.64 -1.00
C11 2PE I . -12.80 8.47 -0.31
C12 2PE I . -14.30 8.46 -0.58
O13 2PE I . -14.61 9.08 -1.82
C14 2PE I . -16.02 9.14 -1.97
C15 2PE I . -16.29 9.51 -3.41
O16 2PE I . -15.32 10.52 -3.71
C17 2PE I . -15.78 11.21 -4.88
C18 2PE I . -14.61 11.86 -5.56
O19 2PE I . -13.38 11.28 -5.13
C20 2PE I . -12.41 12.14 -5.81
C21 2PE I . -11.95 11.76 -7.21
O22 2PE I . -12.09 10.35 -7.42
C23 2PE I . -10.91 9.54 -7.38
C24 2PE I . -10.83 8.53 -8.51
O25 2PE I . -10.45 9.24 -9.71
#